data_8C43
#
_entry.id   8C43
#
_cell.length_a   81.788
_cell.length_b   112.035
_cell.length_c   62.339
_cell.angle_alpha   90.00
_cell.angle_beta   90.00
_cell.angle_gamma   90.00
#
_symmetry.space_group_name_H-M   'C 2 2 21'
#
loop_
_entity.id
_entity.type
_entity.pdbx_description
1 polymer '14-3-3 protein sigma'
2 polymer 'Estrogen Receptor alpha phosphopeptide'
3 non-polymer 'MAGNESIUM ION'
4 non-polymer 'De-acetylated Fusicoccin'
5 water water
#
loop_
_entity_poly.entity_id
_entity_poly.type
_entity_poly.pdbx_seq_one_letter_code
_entity_poly.pdbx_strand_id
1 'polypeptide(L)'
;GAMGSMERASLIQKAKLAEQAERYEDMAAFMKGAVEKGEELSCEERNLLSVAYKNVVGGQRAAWRVLSSIEQKSNEEGSE
EKGPEVREYREKVETELQGVCDTVLGLLDSHLIKEAGDAESRVFYLKMKGDYYRYLAEVATGDDKKRIIDSARSAYQEAM
DISKKEMPPTNPIRLGLALNFSVFHYEIANSPEEAISLAKTTFDEAMADLHTLSEDSYKDSTLIMQLLRDNLTLWT
;
A
2 'polypeptide(L)' AEGRRA(TPO)VPWSHPQFEK B
#
loop_
_chem_comp.id
_chem_comp.type
_chem_comp.name
_chem_comp.formula
MG non-polymer 'MAGNESIUM ION' 'Mg 2'
SIT non-polymer 'De-acetylated Fusicoccin' 'C34 H54 O11'
#
# COMPACT_ATOMS: atom_id res chain seq x y z
N GLY A 1 3.47 20.76 -13.19
CA GLY A 1 4.47 19.90 -12.59
C GLY A 1 5.75 19.89 -13.39
N ALA A 2 6.84 19.43 -12.75
CA ALA A 2 8.13 19.36 -13.44
C ALA A 2 8.13 18.37 -14.58
N MET A 3 7.17 17.44 -14.62
CA MET A 3 7.06 16.49 -15.72
C MET A 3 6.08 16.92 -16.79
N GLY A 4 5.52 18.13 -16.68
CA GLY A 4 4.48 18.55 -17.60
C GLY A 4 4.91 18.63 -19.04
N SER A 5 6.21 18.84 -19.30
CA SER A 5 6.68 18.94 -20.68
C SER A 5 7.08 17.61 -21.28
N MET A 6 7.06 16.51 -20.53
CA MET A 6 7.48 15.23 -21.08
C MET A 6 6.29 14.42 -21.54
N GLU A 7 6.44 13.76 -22.69
CA GLU A 7 5.40 12.89 -23.22
C GLU A 7 5.03 11.79 -22.24
N ARG A 8 3.72 11.47 -22.20
CA ARG A 8 3.26 10.37 -21.35
C ARG A 8 4.05 9.09 -21.60
N ALA A 9 4.23 8.71 -22.86
CA ALA A 9 4.90 7.45 -23.13
C ALA A 9 6.35 7.50 -22.67
N SER A 10 6.97 8.67 -22.78
CA SER A 10 8.36 8.80 -22.33
C SER A 10 8.46 8.69 -20.81
N LEU A 11 7.47 9.25 -20.08
CA LEU A 11 7.44 9.09 -18.63
C LEU A 11 7.31 7.63 -18.24
N ILE A 12 6.45 6.87 -18.93
N ILE A 12 6.46 6.87 -18.92
CA ILE A 12 6.28 5.46 -18.61
CA ILE A 12 6.31 5.47 -18.58
C ILE A 12 7.57 4.71 -18.90
C ILE A 12 7.58 4.69 -18.91
N GLN A 13 8.18 4.98 -20.06
CA GLN A 13 9.45 4.34 -20.42
C GLN A 13 10.51 4.64 -19.37
N LYS A 14 10.60 5.91 -18.93
CA LYS A 14 11.61 6.28 -17.93
C LYS A 14 11.31 5.67 -16.57
N ALA A 15 10.04 5.54 -16.21
CA ALA A 15 9.71 4.85 -14.96
C ALA A 15 10.23 3.42 -14.98
N LYS A 16 10.13 2.74 -16.14
CA LYS A 16 10.62 1.37 -16.22
C LYS A 16 12.14 1.33 -16.14
N LEU A 17 12.82 2.31 -16.77
CA LEU A 17 14.27 2.40 -16.64
C LEU A 17 14.67 2.66 -15.20
N ALA A 18 13.96 3.57 -14.53
CA ALA A 18 14.26 3.88 -13.14
C ALA A 18 14.10 2.64 -12.27
N GLU A 19 13.07 1.85 -12.49
N GLU A 19 13.09 1.81 -12.54
CA GLU A 19 12.96 0.61 -11.73
CA GLU A 19 12.89 0.57 -11.78
C GLU A 19 14.22 -0.24 -11.92
C GLU A 19 14.06 -0.38 -11.97
N GLN A 20 14.61 -0.45 -13.18
CA GLN A 20 15.77 -1.30 -13.44
C GLN A 20 17.00 -0.78 -12.73
N ALA A 21 17.13 0.55 -12.63
CA ALA A 21 18.25 1.21 -11.99
C ALA A 21 18.07 1.36 -10.48
N GLU A 22 16.96 0.85 -9.94
CA GLU A 22 16.65 0.99 -8.51
C GLU A 22 16.63 2.45 -8.06
N ARG A 23 16.11 3.31 -8.93
CA ARG A 23 15.99 4.75 -8.65
C ARG A 23 14.51 5.03 -8.39
N TYR A 24 14.06 4.67 -7.19
CA TYR A 24 12.63 4.65 -6.92
C TYR A 24 12.03 6.03 -6.77
N GLU A 25 12.78 7.00 -6.24
N GLU A 25 12.79 7.00 -6.25
CA GLU A 25 12.28 8.37 -6.21
CA GLU A 25 12.29 8.36 -6.20
C GLU A 25 12.01 8.87 -7.62
C GLU A 25 12.03 8.88 -7.61
N ASP A 26 12.95 8.65 -8.54
CA ASP A 26 12.73 9.03 -9.92
C ASP A 26 11.53 8.29 -10.49
N MET A 27 11.46 6.97 -10.25
CA MET A 27 10.36 6.17 -10.76
C MET A 27 9.03 6.79 -10.33
N ALA A 28 8.92 7.15 -9.05
CA ALA A 28 7.68 7.71 -8.54
C ALA A 28 7.39 9.07 -9.17
N ALA A 29 8.42 9.91 -9.34
CA ALA A 29 8.21 11.20 -9.99
C ALA A 29 7.74 11.03 -11.44
N PHE A 30 8.31 10.06 -12.17
CA PHE A 30 7.86 9.81 -13.53
C PHE A 30 6.41 9.35 -13.54
N MET A 31 6.05 8.44 -12.64
CA MET A 31 4.68 7.95 -12.60
C MET A 31 3.69 9.04 -12.18
N LYS A 32 4.07 9.90 -11.23
CA LYS A 32 3.22 11.04 -10.90
C LYS A 32 2.98 11.91 -12.13
N GLY A 33 4.04 12.17 -12.92
CA GLY A 33 3.87 12.92 -14.14
C GLY A 33 2.93 12.24 -15.10
N ALA A 34 3.03 10.91 -15.21
CA ALA A 34 2.12 10.18 -16.10
C ALA A 34 0.68 10.30 -15.62
N VAL A 35 0.43 10.11 -14.32
CA VAL A 35 -0.92 10.27 -13.79
C VAL A 35 -1.45 11.65 -14.12
N GLU A 36 -0.60 12.67 -13.96
CA GLU A 36 -1.06 14.04 -14.14
C GLU A 36 -1.37 14.39 -15.60
N LYS A 37 -1.06 13.50 -16.55
CA LYS A 37 -1.52 13.70 -17.92
C LYS A 37 -3.03 13.59 -18.03
N GLY A 38 -3.69 12.97 -17.06
CA GLY A 38 -5.14 12.98 -16.96
C GLY A 38 -5.82 11.79 -17.57
N GLU A 39 -5.08 10.90 -18.23
CA GLU A 39 -5.65 9.69 -18.81
C GLU A 39 -5.64 8.57 -17.78
N GLU A 40 -6.55 7.62 -17.94
CA GLU A 40 -6.58 6.47 -17.05
C GLU A 40 -5.28 5.68 -17.22
N LEU A 41 -4.94 4.89 -16.21
CA LEU A 41 -3.76 4.04 -16.24
C LEU A 41 -4.14 2.62 -16.62
N SER A 42 -3.28 1.97 -17.39
CA SER A 42 -3.44 0.54 -17.64
C SER A 42 -3.05 -0.27 -16.41
N CYS A 43 -3.28 -1.58 -16.48
N CYS A 43 -3.30 -1.58 -16.46
CA CYS A 43 -2.93 -2.45 -15.37
CA CYS A 43 -2.92 -2.44 -15.34
C CYS A 43 -1.42 -2.38 -15.07
C CYS A 43 -1.42 -2.35 -15.07
N GLU A 44 -0.60 -2.47 -16.12
CA GLU A 44 0.85 -2.39 -15.94
C GLU A 44 1.25 -1.06 -15.35
N GLU A 45 0.62 0.03 -15.80
CA GLU A 45 0.97 1.35 -15.30
C GLU A 45 0.57 1.52 -13.83
N ARG A 46 -0.59 0.97 -13.45
CA ARG A 46 -0.97 0.97 -12.04
C ARG A 46 0.07 0.25 -11.20
N ASN A 47 0.54 -0.91 -11.70
CA ASN A 47 1.56 -1.66 -10.95
C ASN A 47 2.82 -0.82 -10.78
N LEU A 48 3.26 -0.13 -11.82
CA LEU A 48 4.44 0.73 -11.72
C LEU A 48 4.25 1.82 -10.67
N LEU A 49 3.07 2.45 -10.67
CA LEU A 49 2.79 3.49 -9.70
C LEU A 49 2.90 2.96 -8.28
N SER A 50 2.31 1.79 -8.04
N SER A 50 2.30 1.79 -8.04
CA SER A 50 2.26 1.26 -6.68
CA SER A 50 2.26 1.24 -6.69
C SER A 50 3.63 0.80 -6.21
C SER A 50 3.65 0.85 -6.23
N VAL A 51 4.43 0.22 -7.10
CA VAL A 51 5.77 -0.22 -6.72
C VAL A 51 6.66 0.97 -6.45
N ALA A 52 6.56 2.00 -7.28
CA ALA A 52 7.42 3.17 -7.12
C ALA A 52 7.21 3.81 -5.76
N TYR A 53 5.95 4.15 -5.46
CA TYR A 53 5.66 4.83 -4.20
C TYR A 53 5.88 3.92 -3.00
N LYS A 54 5.68 2.61 -3.16
CA LYS A 54 5.91 1.75 -2.00
C LYS A 54 7.38 1.74 -1.63
N ASN A 55 8.25 1.73 -2.63
CA ASN A 55 9.67 1.75 -2.33
C ASN A 55 10.09 3.06 -1.70
N VAL A 56 9.55 4.18 -2.16
CA VAL A 56 9.86 5.46 -1.53
C VAL A 56 9.40 5.47 -0.07
N VAL A 57 8.13 5.17 0.16
N VAL A 57 8.11 5.21 0.16
CA VAL A 57 7.61 5.31 1.52
CA VAL A 57 7.63 5.31 1.54
C VAL A 57 8.16 4.21 2.41
C VAL A 57 8.24 4.23 2.41
N GLY A 58 8.54 3.06 1.84
CA GLY A 58 9.07 1.98 2.64
C GLY A 58 10.39 2.35 3.28
N GLY A 59 11.27 3.01 2.51
CA GLY A 59 12.51 3.50 3.09
C GLY A 59 12.26 4.52 4.18
N GLN A 60 11.29 5.41 3.97
CA GLN A 60 10.98 6.42 4.98
C GLN A 60 10.42 5.79 6.24
N ARG A 61 9.54 4.79 6.09
CA ARG A 61 8.94 4.13 7.24
C ARG A 61 10.01 3.36 8.03
N ALA A 62 10.89 2.67 7.32
CA ALA A 62 11.95 1.95 8.00
C ALA A 62 12.83 2.91 8.80
N ALA A 63 13.17 4.05 8.20
CA ALA A 63 13.98 5.04 8.91
C ALA A 63 13.22 5.62 10.10
N TRP A 64 11.92 5.92 9.92
CA TRP A 64 11.10 6.41 11.01
C TRP A 64 11.08 5.43 12.18
N ARG A 65 10.95 4.13 11.89
CA ARG A 65 10.91 3.15 12.96
C ARG A 65 12.23 3.11 13.71
N VAL A 66 13.37 3.19 13.01
CA VAL A 66 14.67 3.22 13.69
C VAL A 66 14.76 4.43 14.61
N LEU A 67 14.38 5.60 14.10
CA LEU A 67 14.50 6.83 14.87
C LEU A 67 13.52 6.85 16.03
N SER A 68 12.29 6.38 15.81
N SER A 68 12.30 6.36 15.82
CA SER A 68 11.32 6.28 16.89
CA SER A 68 11.33 6.30 16.91
C SER A 68 11.81 5.38 18.01
C SER A 68 11.81 5.37 18.02
N SER A 69 12.45 4.27 17.66
CA SER A 69 12.96 3.36 18.68
C SER A 69 14.05 4.04 19.49
N ILE A 70 14.93 4.80 18.83
CA ILE A 70 15.98 5.53 19.55
C ILE A 70 15.37 6.58 20.45
N GLU A 71 14.35 7.28 19.96
CA GLU A 71 13.67 8.31 20.73
C GLU A 71 13.01 7.70 21.96
N GLN A 72 12.36 6.56 21.79
CA GLN A 72 11.74 5.87 22.93
C GLN A 72 12.77 5.54 23.99
N LYS A 73 13.88 4.92 23.59
CA LYS A 73 14.92 4.57 24.55
C LYS A 73 15.46 5.79 25.27
N SER A 74 15.68 6.89 24.53
CA SER A 74 16.19 8.12 25.13
C SER A 74 15.20 8.77 26.08
N ASN A 75 13.95 8.31 26.13
CA ASN A 75 12.96 8.84 27.06
C ASN A 75 12.62 7.84 28.16
N GLU A 76 13.45 6.83 28.36
CA GLU A 76 13.26 5.87 29.45
C GLU A 76 13.95 6.37 30.71
N GLU A 77 13.66 5.71 31.83
CA GLU A 77 14.29 6.04 33.09
C GLU A 77 15.71 5.51 33.10
N GLY A 78 16.66 6.40 33.38
CA GLY A 78 18.07 6.03 33.41
C GLY A 78 18.86 6.57 32.25
N LYS A 82 19.87 13.68 25.81
CA LYS A 82 20.82 14.08 24.79
C LYS A 82 20.28 15.21 23.90
N GLY A 83 19.30 15.96 24.38
CA GLY A 83 18.82 17.13 23.68
C GLY A 83 17.71 16.82 22.68
N PRO A 84 17.37 17.83 21.88
CA PRO A 84 16.23 17.71 20.96
C PRO A 84 16.50 17.03 19.62
N GLU A 85 17.75 16.59 19.41
CA GLU A 85 18.14 16.18 18.05
C GLU A 85 17.40 14.94 17.58
N VAL A 86 17.20 13.94 18.43
CA VAL A 86 16.53 12.72 17.98
C VAL A 86 15.08 13.03 17.60
N ARG A 87 14.39 13.78 18.44
CA ARG A 87 13.02 14.16 18.13
C ARG A 87 12.97 14.98 16.85
N GLU A 88 13.89 15.95 16.71
CA GLU A 88 13.89 16.80 15.53
C GLU A 88 14.07 15.97 14.27
N TYR A 89 14.99 15.03 14.29
CA TYR A 89 15.28 14.28 13.08
C TYR A 89 14.17 13.26 12.80
N ARG A 90 13.60 12.66 13.85
CA ARG A 90 12.43 11.82 13.65
C ARG A 90 11.29 12.62 13.03
N GLU A 91 11.10 13.86 13.50
CA GLU A 91 10.06 14.73 12.96
C GLU A 91 10.33 15.08 11.50
N LYS A 92 11.60 15.29 11.15
CA LYS A 92 11.95 15.60 9.76
C LYS A 92 11.57 14.44 8.85
N VAL A 93 11.96 13.24 9.24
CA VAL A 93 11.63 12.06 8.44
C VAL A 93 10.11 11.88 8.39
N GLU A 94 9.45 12.05 9.53
CA GLU A 94 8.00 11.93 9.60
C GLU A 94 7.31 12.90 8.63
N THR A 95 7.74 14.16 8.62
CA THR A 95 7.10 15.15 7.76
C THR A 95 7.30 14.82 6.29
N GLU A 96 8.49 14.32 5.94
N GLU A 96 8.49 14.31 5.93
CA GLU A 96 8.76 13.90 4.57
CA GLU A 96 8.74 13.92 4.55
C GLU A 96 7.86 12.73 4.17
C GLU A 96 7.87 12.72 4.17
N LEU A 97 7.73 11.75 5.08
CA LEU A 97 6.85 10.60 4.84
C LEU A 97 5.42 11.06 4.65
N GLN A 98 4.94 11.94 5.53
CA GLN A 98 3.58 12.45 5.39
C GLN A 98 3.39 13.15 4.07
N GLY A 99 4.42 13.88 3.62
CA GLY A 99 4.32 14.54 2.34
C GLY A 99 4.13 13.57 1.17
N VAL A 100 4.86 12.46 1.20
CA VAL A 100 4.70 11.46 0.15
C VAL A 100 3.31 10.82 0.21
N CYS A 101 2.84 10.50 1.41
CA CYS A 101 1.49 9.96 1.52
C CYS A 101 0.46 10.93 0.99
N ASP A 102 0.59 12.23 1.36
CA ASP A 102 -0.34 13.23 0.87
C ASP A 102 -0.30 13.33 -0.66
N THR A 103 0.90 13.19 -1.23
CA THR A 103 1.02 13.24 -2.69
C THR A 103 0.25 12.08 -3.33
N VAL A 104 0.45 10.86 -2.82
CA VAL A 104 -0.22 9.70 -3.37
C VAL A 104 -1.73 9.82 -3.20
N LEU A 105 -2.17 10.19 -1.99
CA LEU A 105 -3.59 10.37 -1.77
C LEU A 105 -4.17 11.43 -2.70
N GLY A 106 -3.39 12.48 -2.98
CA GLY A 106 -3.86 13.51 -3.88
C GLY A 106 -4.01 13.02 -5.32
N LEU A 107 -3.08 12.16 -5.77
CA LEU A 107 -3.23 11.57 -7.10
C LEU A 107 -4.47 10.68 -7.16
N LEU A 108 -4.72 9.92 -6.09
CA LEU A 108 -5.90 9.05 -6.05
C LEU A 108 -7.18 9.87 -6.07
N ASP A 109 -7.19 10.99 -5.34
CA ASP A 109 -8.37 11.84 -5.28
C ASP A 109 -8.52 12.75 -6.50
N SER A 110 -7.45 12.97 -7.26
CA SER A 110 -7.46 13.92 -8.40
C SER A 110 -6.66 13.29 -9.55
N HIS A 111 -7.26 12.36 -10.29
CA HIS A 111 -8.67 11.99 -10.24
C HIS A 111 -8.79 10.48 -10.55
N LEU A 112 -7.83 9.70 -10.05
CA LEU A 112 -7.77 8.29 -10.41
C LEU A 112 -9.00 7.51 -9.94
N ILE A 113 -9.42 7.70 -8.69
CA ILE A 113 -10.54 6.91 -8.17
C ILE A 113 -11.84 7.24 -8.91
N LYS A 114 -12.11 8.53 -9.11
CA LYS A 114 -13.42 8.88 -9.68
C LYS A 114 -13.57 8.40 -11.12
N GLU A 115 -12.47 8.22 -11.87
CA GLU A 115 -12.56 7.73 -13.23
C GLU A 115 -12.46 6.21 -13.34
N ALA A 116 -12.22 5.52 -12.23
CA ALA A 116 -11.99 4.07 -12.25
C ALA A 116 -13.32 3.34 -12.10
N GLY A 117 -13.79 2.76 -13.19
CA GLY A 117 -15.07 2.07 -13.20
C GLY A 117 -14.98 0.57 -13.17
N ASP A 118 -13.91 0.01 -13.76
CA ASP A 118 -13.76 -1.44 -13.73
C ASP A 118 -13.30 -1.86 -12.35
N ALA A 119 -13.72 -3.05 -11.94
CA ALA A 119 -13.37 -3.52 -10.60
C ALA A 119 -11.86 -3.56 -10.39
N GLU A 120 -11.09 -4.03 -11.38
CA GLU A 120 -9.65 -4.20 -11.18
C GLU A 120 -8.96 -2.87 -10.95
N SER A 121 -9.45 -1.79 -11.55
CA SER A 121 -8.82 -0.49 -11.28
C SER A 121 -9.38 0.13 -10.01
N ARG A 122 -10.70 0.05 -9.80
CA ARG A 122 -11.29 0.70 -8.63
C ARG A 122 -10.78 0.09 -7.34
N VAL A 123 -10.76 -1.24 -7.26
CA VAL A 123 -10.26 -1.93 -6.07
C VAL A 123 -8.79 -1.59 -5.84
N PHE A 124 -7.99 -1.59 -6.92
CA PHE A 124 -6.57 -1.27 -6.81
C PHE A 124 -6.37 0.10 -6.17
N TYR A 125 -7.08 1.12 -6.66
CA TYR A 125 -6.88 2.47 -6.15
C TYR A 125 -7.43 2.62 -4.75
N LEU A 126 -8.56 1.99 -4.45
CA LEU A 126 -9.07 2.06 -3.08
C LEU A 126 -8.14 1.36 -2.09
N LYS A 127 -7.56 0.22 -2.49
CA LYS A 127 -6.55 -0.41 -1.66
C LYS A 127 -5.38 0.55 -1.40
N MET A 128 -4.90 1.21 -2.46
CA MET A 128 -3.79 2.16 -2.27
C MET A 128 -4.21 3.26 -1.30
N LYS A 129 -5.46 3.73 -1.42
CA LYS A 129 -5.92 4.78 -0.52
C LYS A 129 -5.88 4.29 0.92
N GLY A 130 -6.35 3.05 1.16
CA GLY A 130 -6.26 2.50 2.50
C GLY A 130 -4.82 2.38 2.95
N ASP A 131 -3.93 1.92 2.06
CA ASP A 131 -2.52 1.73 2.43
C ASP A 131 -1.88 3.06 2.86
N TYR A 132 -2.15 4.14 2.12
CA TYR A 132 -1.45 5.38 2.40
C TYR A 132 -2.06 6.12 3.60
N TYR A 133 -3.37 5.97 3.84
CA TYR A 133 -3.90 6.41 5.12
C TYR A 133 -3.34 5.57 6.26
N ARG A 134 -3.13 4.27 6.03
CA ARG A 134 -2.53 3.42 7.05
C ARG A 134 -1.13 3.91 7.41
N TYR A 135 -0.33 4.27 6.40
CA TYR A 135 1.01 4.78 6.72
C TYR A 135 0.94 6.08 7.49
N LEU A 136 -0.02 6.95 7.15
CA LEU A 136 -0.25 8.15 7.96
C LEU A 136 -0.64 7.78 9.39
N ALA A 137 -1.44 6.72 9.55
CA ALA A 137 -1.88 6.33 10.88
C ALA A 137 -0.71 5.80 11.73
N GLU A 138 0.27 5.15 11.10
CA GLU A 138 1.42 4.62 11.83
C GLU A 138 2.15 5.71 12.59
N VAL A 139 2.14 6.95 12.09
CA VAL A 139 2.89 8.05 12.70
C VAL A 139 2.00 9.08 13.39
N ALA A 140 0.69 8.90 13.36
CA ALA A 140 -0.20 9.94 13.87
C ALA A 140 -0.37 9.85 15.38
N THR A 141 -0.54 11.03 15.99
CA THR A 141 -0.73 11.17 17.44
C THR A 141 -1.72 12.26 17.84
N GLY A 142 -2.21 13.09 16.92
CA GLY A 142 -3.00 14.25 17.26
C GLY A 142 -4.50 14.01 17.26
N ASP A 143 -5.24 15.13 17.20
CA ASP A 143 -6.71 15.06 17.23
C ASP A 143 -7.29 14.34 16.02
N ASP A 144 -6.52 14.18 14.94
CA ASP A 144 -7.01 13.58 13.71
C ASP A 144 -6.66 12.11 13.56
N LYS A 145 -5.98 11.51 14.56
CA LYS A 145 -5.57 10.11 14.46
C LYS A 145 -6.75 9.18 14.21
N LYS A 146 -7.84 9.34 14.97
CA LYS A 146 -8.97 8.45 14.76
C LYS A 146 -9.57 8.65 13.38
N ARG A 147 -9.58 9.89 12.87
CA ARG A 147 -10.13 10.12 11.55
C ARG A 147 -9.22 9.55 10.48
N ILE A 148 -7.90 9.54 10.71
CA ILE A 148 -6.99 8.92 9.75
C ILE A 148 -7.22 7.42 9.70
N ILE A 149 -7.34 6.79 10.86
CA ILE A 149 -7.62 5.36 10.92
C ILE A 149 -8.94 5.04 10.24
N ASP A 150 -9.98 5.85 10.50
CA ASP A 150 -11.25 5.57 9.84
C ASP A 150 -11.20 5.80 8.34
N SER A 151 -10.39 6.75 7.87
CA SER A 151 -10.23 6.94 6.43
C SER A 151 -9.60 5.71 5.79
N ALA A 152 -8.58 5.13 6.45
CA ALA A 152 -8.00 3.90 5.94
C ALA A 152 -9.07 2.80 5.92
N ARG A 153 -9.77 2.62 7.04
N ARG A 153 -9.80 2.64 7.02
CA ARG A 153 -10.80 1.57 7.14
CA ARG A 153 -10.80 1.59 7.11
C ARG A 153 -11.84 1.73 6.04
C ARG A 153 -11.87 1.73 6.04
N SER A 154 -12.33 2.95 5.83
N SER A 154 -12.37 2.95 5.84
CA SER A 154 -13.42 3.16 4.88
CA SER A 154 -13.44 3.16 4.87
C SER A 154 -12.98 2.83 3.47
C SER A 154 -12.98 2.83 3.46
N ALA A 155 -11.76 3.19 3.11
CA ALA A 155 -11.25 2.88 1.77
C ALA A 155 -11.07 1.37 1.60
N TYR A 156 -10.47 0.72 2.59
CA TYR A 156 -10.32 -0.73 2.52
C TYR A 156 -11.68 -1.42 2.44
N GLN A 157 -12.66 -0.92 3.20
CA GLN A 157 -13.96 -1.58 3.23
C GLN A 157 -14.67 -1.47 1.89
N GLU A 158 -14.64 -0.29 1.26
CA GLU A 158 -15.24 -0.18 -0.07
C GLU A 158 -14.54 -1.10 -1.06
N ALA A 159 -13.20 -1.17 -1.00
CA ALA A 159 -12.46 -2.06 -1.90
C ALA A 159 -12.86 -3.51 -1.65
N MET A 160 -13.02 -3.88 -0.37
N MET A 160 -13.02 -3.88 -0.37
CA MET A 160 -13.43 -5.25 -0.04
CA MET A 160 -13.43 -5.25 -0.05
C MET A 160 -14.81 -5.54 -0.62
C MET A 160 -14.81 -5.55 -0.62
N ASP A 161 -15.74 -4.62 -0.47
CA ASP A 161 -17.12 -4.86 -0.93
C ASP A 161 -17.14 -5.08 -2.43
N ILE A 162 -16.42 -4.24 -3.18
CA ILE A 162 -16.35 -4.42 -4.63
C ILE A 162 -15.66 -5.73 -4.99
N SER A 163 -14.55 -6.03 -4.31
CA SER A 163 -13.77 -7.22 -4.65
C SER A 163 -14.57 -8.49 -4.43
N LYS A 164 -15.37 -8.55 -3.38
CA LYS A 164 -16.18 -9.73 -3.12
C LYS A 164 -17.28 -9.89 -4.15
N LYS A 165 -17.82 -8.78 -4.65
CA LYS A 165 -18.90 -8.87 -5.64
C LYS A 165 -18.38 -9.15 -7.04
N GLU A 166 -17.20 -8.65 -7.40
CA GLU A 166 -16.80 -8.55 -8.80
C GLU A 166 -15.57 -9.36 -9.18
N MET A 167 -14.84 -9.93 -8.22
N MET A 167 -14.83 -9.90 -8.22
CA MET A 167 -13.60 -10.62 -8.51
CA MET A 167 -13.59 -10.63 -8.46
C MET A 167 -13.64 -12.03 -7.91
C MET A 167 -13.69 -12.04 -7.94
N PRO A 168 -13.00 -12.99 -8.56
CA PRO A 168 -12.90 -14.32 -7.97
C PRO A 168 -12.00 -14.29 -6.75
N PRO A 169 -12.18 -15.27 -5.85
CA PRO A 169 -11.42 -15.25 -4.59
C PRO A 169 -9.93 -15.41 -4.79
N THR A 170 -9.48 -15.83 -5.96
CA THR A 170 -8.06 -15.97 -6.25
C THR A 170 -7.45 -14.75 -6.93
N ASN A 171 -8.24 -13.74 -7.25
CA ASN A 171 -7.70 -12.57 -7.94
C ASN A 171 -6.59 -11.95 -7.10
N PRO A 172 -5.40 -11.71 -7.67
CA PRO A 172 -4.28 -11.21 -6.85
C PRO A 172 -4.55 -9.88 -6.17
N ILE A 173 -5.30 -8.98 -6.81
CA ILE A 173 -5.61 -7.70 -6.17
C ILE A 173 -6.51 -7.95 -4.96
N ARG A 174 -7.53 -8.79 -5.11
CA ARG A 174 -8.37 -9.13 -3.98
C ARG A 174 -7.54 -9.74 -2.85
N LEU A 175 -6.63 -10.64 -3.17
CA LEU A 175 -5.81 -11.27 -2.14
C LEU A 175 -4.92 -10.26 -1.44
N GLY A 176 -4.26 -9.39 -2.20
CA GLY A 176 -3.37 -8.41 -1.60
C GLY A 176 -4.11 -7.41 -0.75
N LEU A 177 -5.30 -7.00 -1.21
CA LEU A 177 -6.17 -6.15 -0.40
C LEU A 177 -6.48 -6.81 0.93
N ALA A 178 -6.87 -8.09 0.90
CA ALA A 178 -7.19 -8.77 2.14
C ALA A 178 -5.97 -8.86 3.06
N LEU A 179 -4.80 -9.18 2.47
CA LEU A 179 -3.57 -9.23 3.26
C LEU A 179 -3.35 -7.93 4.01
N ASN A 180 -3.43 -6.82 3.29
CA ASN A 180 -3.11 -5.52 3.89
C ASN A 180 -4.19 -5.07 4.87
N PHE A 181 -5.47 -5.29 4.53
CA PHE A 181 -6.55 -4.92 5.44
C PHE A 181 -6.45 -5.74 6.72
N SER A 182 -6.04 -7.01 6.60
CA SER A 182 -5.83 -7.84 7.78
C SER A 182 -4.74 -7.26 8.65
N VAL A 183 -3.63 -6.80 8.05
CA VAL A 183 -2.57 -6.16 8.82
C VAL A 183 -3.08 -4.87 9.48
N PHE A 184 -3.85 -4.07 8.74
CA PHE A 184 -4.51 -2.91 9.33
C PHE A 184 -5.27 -3.28 10.60
N HIS A 185 -6.11 -4.32 10.52
CA HIS A 185 -6.86 -4.76 11.70
C HIS A 185 -5.92 -5.13 12.84
N TYR A 186 -4.84 -5.87 12.52
CA TYR A 186 -3.97 -6.41 13.56
C TYR A 186 -3.23 -5.31 14.30
N GLU A 187 -2.61 -4.39 13.57
CA GLU A 187 -1.66 -3.49 14.19
C GLU A 187 -2.06 -2.02 14.21
N ILE A 188 -3.12 -1.63 13.49
CA ILE A 188 -3.63 -0.27 13.54
C ILE A 188 -4.92 -0.18 14.34
N ALA A 189 -5.87 -1.06 14.08
CA ALA A 189 -7.17 -1.02 14.71
C ALA A 189 -7.24 -1.82 16.01
N ASN A 190 -6.16 -2.47 16.42
CA ASN A 190 -6.18 -3.26 17.66
C ASN A 190 -7.28 -4.32 17.62
N SER A 191 -7.40 -4.99 16.48
CA SER A 191 -8.43 -6.01 16.25
C SER A 191 -7.76 -7.28 15.73
N PRO A 192 -6.93 -7.93 16.53
CA PRO A 192 -6.23 -9.12 16.02
C PRO A 192 -7.17 -10.25 15.64
N GLU A 193 -8.31 -10.40 16.32
CA GLU A 193 -9.22 -11.47 15.94
C GLU A 193 -9.80 -11.24 14.55
N GLU A 194 -10.17 -9.99 14.25
CA GLU A 194 -10.63 -9.66 12.90
C GLU A 194 -9.52 -9.89 11.87
N ALA A 195 -8.30 -9.53 12.22
CA ALA A 195 -7.17 -9.74 11.31
C ALA A 195 -7.00 -11.21 10.98
N ILE A 196 -7.07 -12.06 12.01
CA ILE A 196 -6.88 -13.49 11.81
C ILE A 196 -8.05 -14.08 11.03
N SER A 197 -9.28 -13.70 11.40
N SER A 197 -9.28 -13.68 11.37
CA SER A 197 -10.45 -14.17 10.67
CA SER A 197 -10.44 -14.20 10.66
C SER A 197 -10.37 -13.83 9.19
C SER A 197 -10.40 -13.82 9.18
N LEU A 198 -10.02 -12.58 8.87
CA LEU A 198 -9.97 -12.17 7.47
C LEU A 198 -8.89 -12.95 6.73
N ALA A 199 -7.70 -13.10 7.32
CA ALA A 199 -6.64 -13.82 6.62
C ALA A 199 -7.04 -15.27 6.38
N LYS A 200 -7.67 -15.90 7.38
CA LYS A 200 -8.05 -17.32 7.26
C LYS A 200 -9.15 -17.52 6.21
N THR A 201 -10.22 -16.73 6.27
N THR A 201 -10.22 -16.73 6.31
CA THR A 201 -11.29 -16.93 5.28
CA THR A 201 -11.32 -16.83 5.34
C THR A 201 -10.80 -16.60 3.88
C THR A 201 -10.80 -16.59 3.92
N THR A 202 -9.97 -15.57 3.74
CA THR A 202 -9.42 -15.27 2.43
C THR A 202 -8.58 -16.43 1.91
N PHE A 203 -7.70 -16.97 2.77
CA PHE A 203 -6.86 -18.09 2.34
C PHE A 203 -7.72 -19.28 1.92
N ASP A 204 -8.68 -19.65 2.76
CA ASP A 204 -9.48 -20.85 2.51
C ASP A 204 -10.32 -20.70 1.24
N GLU A 205 -10.92 -19.52 1.04
CA GLU A 205 -11.73 -19.33 -0.16
C GLU A 205 -10.87 -19.32 -1.42
N ALA A 206 -9.65 -18.80 -1.35
CA ALA A 206 -8.77 -18.86 -2.50
C ALA A 206 -8.35 -20.30 -2.80
N MET A 207 -8.01 -21.06 -1.75
N MET A 207 -8.00 -21.07 -1.75
CA MET A 207 -7.64 -22.47 -1.93
CA MET A 207 -7.65 -22.48 -1.94
C MET A 207 -8.70 -23.21 -2.74
C MET A 207 -8.70 -23.19 -2.78
N ALA A 208 -9.97 -23.00 -2.42
CA ALA A 208 -11.08 -23.70 -3.07
C ALA A 208 -11.31 -23.28 -4.52
N ASP A 209 -10.72 -22.17 -4.98
CA ASP A 209 -10.91 -21.65 -6.32
C ASP A 209 -9.68 -21.88 -7.20
N LEU A 210 -8.58 -22.40 -6.63
CA LEU A 210 -7.36 -22.61 -7.41
C LEU A 210 -7.58 -23.55 -8.60
N HIS A 211 -8.50 -24.51 -8.48
CA HIS A 211 -8.75 -25.49 -9.52
C HIS A 211 -9.19 -24.87 -10.83
N THR A 212 -9.66 -23.63 -10.82
CA THR A 212 -10.14 -22.99 -12.04
C THR A 212 -9.03 -22.33 -12.83
N LEU A 213 -7.82 -22.26 -12.30
CA LEU A 213 -6.77 -21.40 -12.83
C LEU A 213 -5.80 -22.17 -13.73
N SER A 214 -5.22 -21.44 -14.68
CA SER A 214 -4.07 -21.92 -15.42
C SER A 214 -2.86 -22.00 -14.49
N GLU A 215 -1.79 -22.60 -15.01
CA GLU A 215 -0.56 -22.70 -14.23
C GLU A 215 -0.01 -21.32 -13.87
N ASP A 216 -0.08 -20.37 -14.80
CA ASP A 216 0.47 -19.05 -14.54
C ASP A 216 -0.37 -18.29 -13.51
N SER A 217 -1.70 -18.34 -13.63
CA SER A 217 -2.54 -17.70 -12.63
C SER A 217 -2.42 -18.39 -11.28
N TYR A 218 -2.29 -19.72 -11.28
CA TYR A 218 -2.08 -20.47 -10.06
C TYR A 218 -0.84 -19.97 -9.32
N LYS A 219 0.26 -19.77 -10.06
CA LYS A 219 1.47 -19.26 -9.44
C LYS A 219 1.26 -17.88 -8.83
N ASP A 220 0.58 -16.98 -9.54
CA ASP A 220 0.34 -15.63 -9.03
C ASP A 220 -0.46 -15.67 -7.72
N SER A 221 -1.52 -16.48 -7.69
CA SER A 221 -2.44 -16.46 -6.56
C SER A 221 -1.79 -17.11 -5.34
N THR A 222 -1.10 -18.23 -5.55
CA THR A 222 -0.51 -18.93 -4.42
C THR A 222 0.61 -18.13 -3.76
N LEU A 223 1.28 -17.25 -4.50
CA LEU A 223 2.31 -16.42 -3.88
C LEU A 223 1.71 -15.52 -2.79
N ILE A 224 0.61 -14.85 -3.08
CA ILE A 224 0.00 -14.01 -2.06
C ILE A 224 -0.65 -14.85 -0.96
N MET A 225 -1.20 -16.01 -1.33
CA MET A 225 -1.72 -16.90 -0.30
C MET A 225 -0.65 -17.29 0.71
N GLN A 226 0.59 -17.49 0.24
CA GLN A 226 1.66 -17.83 1.16
C GLN A 226 1.94 -16.70 2.15
N LEU A 227 1.80 -15.44 1.70
CA LEU A 227 1.95 -14.33 2.63
C LEU A 227 0.85 -14.32 3.68
N LEU A 228 -0.39 -14.60 3.28
CA LEU A 228 -1.47 -14.74 4.26
C LEU A 228 -1.13 -15.83 5.29
N ARG A 229 -0.64 -16.96 4.80
CA ARG A 229 -0.27 -18.05 5.71
C ARG A 229 0.87 -17.65 6.61
N ASP A 230 1.86 -16.94 6.07
CA ASP A 230 2.97 -16.46 6.88
C ASP A 230 2.47 -15.58 8.02
N ASN A 231 1.55 -14.68 7.73
CA ASN A 231 1.02 -13.82 8.78
C ASN A 231 0.23 -14.61 9.80
N LEU A 232 -0.62 -15.54 9.34
CA LEU A 232 -1.35 -16.38 10.29
C LEU A 232 -0.40 -17.16 11.20
N THR A 233 0.72 -17.65 10.64
CA THR A 233 1.68 -18.38 11.46
C THR A 233 2.32 -17.47 12.50
N LEU A 234 2.61 -16.23 12.13
CA LEU A 234 3.17 -15.28 13.08
C LEU A 234 2.19 -14.94 14.19
N TRP A 235 0.89 -14.90 13.88
CA TRP A 235 -0.11 -14.37 14.79
C TRP A 235 -0.77 -15.43 15.66
N THR A 236 -0.49 -16.70 15.40
CA THR A 236 -1.11 -17.80 16.14
C THR A 236 -0.09 -18.78 16.68
N ARG B 4 9.20 -9.85 9.73
CA ARG B 4 7.99 -9.16 10.18
C ARG B 4 6.80 -9.47 9.26
N ARG B 5 5.59 -9.12 9.69
CA ARG B 5 4.38 -9.47 8.95
C ARG B 5 4.45 -8.89 7.55
N ALA B 6 3.76 -9.53 6.61
CA ALA B 6 3.84 -9.16 5.21
C ALA B 6 2.68 -8.27 4.77
N TPO B 7 3.01 -7.24 4.00
CA TPO B 7 2.02 -6.48 3.20
CB TPO B 7 1.79 -5.07 3.79
CG2 TPO B 7 1.01 -5.18 5.11
OG1 TPO B 7 3.06 -4.46 4.00
P TPO B 7 3.14 -2.85 4.25
O1P TPO B 7 2.86 -2.56 5.67
O2P TPO B 7 4.64 -2.50 3.88
O3P TPO B 7 2.14 -2.12 3.29
C TPO B 7 2.53 -6.41 1.74
O TPO B 7 3.73 -6.59 1.48
N VAL B 8 1.62 -6.19 0.80
N VAL B 8 1.63 -6.16 0.80
CA VAL B 8 1.96 -6.09 -0.62
CA VAL B 8 1.97 -6.12 -0.61
C VAL B 8 1.34 -4.84 -1.23
C VAL B 8 1.35 -4.88 -1.25
N PRO B 9 2.11 -4.11 -2.06
CA PRO B 9 3.50 -4.33 -2.50
C PRO B 9 4.51 -4.38 -1.37
N TRP B 10 5.61 -5.10 -1.57
CA TRP B 10 6.77 -5.03 -0.71
C TRP B 10 7.83 -4.15 -1.39
N SER B 11 8.80 -3.71 -0.60
CA SER B 11 9.89 -2.89 -1.12
C SER B 11 11.04 -3.76 -1.60
N HIS B 12 12.02 -3.09 -2.22
CA HIS B 12 13.29 -3.66 -2.67
C HIS B 12 13.19 -4.29 -4.06
MG MG C . 1.56 13.83 -25.99
MG MG D . 4.91 15.38 13.30
MG MG E . -9.79 -15.47 20.21
C10 SIT F . 2.36 -5.71 -7.26
C01 SIT F . 2.56 -10.13 -5.86
C02 SIT F . 2.89 -9.49 -7.20
C03 SIT F . 4.21 -10.03 -7.73
C05 SIT F . 3.53 -11.86 -9.10
C06 SIT F . 4.53 -12.11 -10.15
C08 SIT F . 2.86 -7.97 -7.08
C09 SIT F . 2.10 -7.12 -7.78
C11 SIT F . 3.75 -5.80 -6.58
C13 SIT F . 3.72 -7.24 -6.07
C14 SIT F . 2.44 -4.69 -8.40
C15 SIT F . 1.30 -5.17 -6.31
C16 SIT F . 0.15 -5.77 -5.92
C17 SIT F . -0.36 -7.20 -6.15
C18 SIT F . -1.40 -7.35 -5.02
C19 SIT F . -2.00 -5.95 -4.88
C20 SIT F . -0.79 -5.01 -4.99
C21 SIT F . -1.21 -3.63 -5.49
C23 SIT F . -2.58 -1.78 -4.89
C24 SIT F . -0.89 -7.50 -7.56
C25 SIT F . -1.43 -6.20 -8.19
C26 SIT F . 0.00 -8.26 -8.56
C28 SIT F . 1.18 -7.40 -8.93
C30 SIT F . 2.06 -7.74 -11.10
C31 SIT F . 2.52 -8.81 -12.09
C33 SIT F . 3.97 -9.31 -11.70
C35 SIT F . 4.97 -8.18 -11.67
C37 SIT F . 4.35 -7.06 -10.81
C38 SIT F . 5.22 -5.82 -10.86
C40 SIT F . 5.93 -4.25 -12.73
C41 SIT F . 5.19 -3.70 -13.94
C42 SIT F . 6.08 -3.21 -11.64
C43 SIT F . 7.18 -2.98 -10.93
C44 SIT F . 7.26 -4.91 -13.14
O04 SIT F . 4.11 -11.45 -7.98
O07 SIT F . 2.38 -12.01 -9.23
O12 SIT F . 3.97 -4.90 -5.51
O22 SIT F . -1.96 -3.00 -4.45
O27 SIT F . -0.90 -8.63 -9.64
O29 SIT F . 1.99 -8.24 -9.79
O32 SIT F . 1.52 -9.79 -12.28
O34 SIT F . 4.24 -10.34 -12.64
O36 SIT F . 6.19 -8.68 -11.04
O39 SIT F . 5.05 -5.26 -12.20
O45 SIT F . 2.96 -6.65 -11.21
H011 SIT F . 2.01 -9.52 -5.34
H013 SIT F . 2.07 -10.95 -6.01
H012 SIT F . 3.38 -10.31 -5.38
H021 SIT F . 2.23 -9.74 -7.89
H032 SIT F . 4.46 -9.56 -8.55
H031 SIT F . 4.92 -9.86 -7.06
H062 SIT F . 5.07 -12.88 -9.91
H063 SIT F . 5.10 -11.33 -10.25
H061 SIT F . 4.08 -12.29 -11.00
H111 SIT F . 4.46 -5.60 -7.24
H132 SIT F . 3.32 -7.29 -5.18
H131 SIT F . 4.62 -7.62 -6.04
H141 SIT F . 2.84 -3.87 -8.08
H142 SIT F . 1.53 -4.49 -8.72
H143 SIT F . 2.96 -5.05 -9.13
H151 SIT F . 1.44 -4.31 -5.95
H171 SIT F . 0.40 -7.82 -6.02
H181 SIT F . -2.10 -8.01 -5.26
H182 SIT F . -0.98 -7.64 -4.17
H192 SIT F . -2.44 -5.84 -4.01
H191 SIT F . -2.66 -5.77 -5.60
H201 SIT F . -0.32 -4.91 -4.14
H212 SIT F . -0.42 -3.09 -5.72
H211 SIT F . -1.77 -3.71 -6.30
H232 SIT F . -2.03 -1.37 -5.58
H231 SIT F . -3.46 -1.98 -5.24
H233 SIT F . -2.66 -1.18 -4.13
H241 SIT F . -1.59 -8.18 -7.40
H253 SIT F . -2.08 -5.79 -7.59
H252 SIT F . -0.69 -5.57 -8.33
H251 SIT F . -1.86 -6.39 -9.04
H261 SIT F . 0.41 -9.12 -8.23
H281 SIT F . 0.83 -6.56 -9.33
H301 SIT F . 1.14 -7.46 -11.28
H311 SIT F . 2.64 -8.43 -12.99
H331 SIT F . 4.01 -9.66 -10.77
H351 SIT F . 5.20 -7.85 -12.57
H371 SIT F . 4.25 -7.42 -9.89
H381 SIT F . 4.94 -5.17 -10.18
H382 SIT F . 6.16 -6.05 -10.70
H411 SIT F . 5.72 -3.83 -14.75
H412 SIT F . 5.02 -2.75 -13.83
H413 SIT F . 4.33 -4.16 -14.05
H421 SIT F . 5.34 -2.67 -11.44
H431 SIT F . 7.18 -2.31 -10.27
H432 SIT F . 7.95 -3.51 -11.08
H443 SIT F . 7.10 -5.58 -13.83
H441 SIT F . 7.68 -5.34 -12.38
H442 SIT F . 7.86 -4.23 -13.51
H121 SIT F . 3.82 -4.10 -5.79
H271 SIT F . -0.87 -8.04 -10.25
H321 SIT F . 1.02 -9.80 -11.62
H341 SIT F . 4.26 -10.01 -13.41
H361 SIT F . 6.03 -8.91 -10.25
#